data_4IGE
#
_entry.id   4IGE
#
_cell.length_a   131.487
_cell.length_b   131.487
_cell.length_c   82.858
_cell.angle_alpha   90.00
_cell.angle_beta   90.00
_cell.angle_gamma   90.00
#
_symmetry.space_group_name_H-M   'P 43 21 2'
#
loop_
_entity.id
_entity.type
_entity.pdbx_description
1 polymer 'Enoyl-acyl carrier reductase'
2 non-polymer 7-(4-chloro-2-hydroxyphenoxy)-4-methyl-2H-chromen-2-one
3 non-polymer NICOTINAMIDE-ADENINE-DINUCLEOTIDE
4 non-polymer GLYCEROL
5 non-polymer 'SULFATE ION'
6 water water
#
_entity_poly.entity_id   1
_entity_poly.type   'polypeptide(L)'
_entity_poly.pdbx_seq_one_letter_code
;MVHHHHHHNEDICFIAGIGDTNGYGWGIAKELSKRNVKIIFGIWPPVYNIFMKNYKNGKFDNDMIIDKDKKMNILDMLPF
DASFDTANDIDEETKNNKRYNMLQNYTIEDVANLIHQKYGKINMLVHSLANAKEVQKDLLNTSRKGYLDALSKSSYSLIS
LCKYFVNIMKPQSSIISLTYHASQKVVPGYGGGMSSAKAALESDTRVLAYHLGRNYNIRINTISAGPLKSRAATAINKLN
NTYENNTNQNKNRNSHDVHNIMNNSGEKEEKKNSASQNYTFIDYAIEYSEKYAPLRQKLLSTDIGSVASFLLSRESRAIT
GQTIYVDNGLNIMFLPDDIYRNENE
;
_entity_poly.pdbx_strand_id   A,B
#
# COMPACT_ATOMS: atom_id res chain seq x y z
N GLU A 10 -13.88 -10.41 -18.35
CA GLU A 10 -12.50 -10.00 -18.21
C GLU A 10 -12.39 -8.56 -17.65
N ASP A 11 -11.16 -8.09 -17.50
CA ASP A 11 -10.88 -6.79 -16.90
C ASP A 11 -10.42 -5.81 -17.95
N ILE A 12 -10.97 -4.60 -17.89
CA ILE A 12 -10.53 -3.54 -18.80
C ILE A 12 -10.08 -2.33 -18.00
N CYS A 13 -8.91 -1.79 -18.36
CA CYS A 13 -8.44 -0.56 -17.74
C CYS A 13 -8.31 0.55 -18.76
N PHE A 14 -8.87 1.71 -18.46
CA PHE A 14 -8.61 2.90 -19.26
C PHE A 14 -7.48 3.69 -18.61
N ILE A 15 -6.45 4.02 -19.38
CA ILE A 15 -5.32 4.78 -18.85
C ILE A 15 -5.25 6.15 -19.53
N ALA A 16 -5.58 7.18 -18.78
CA ALA A 16 -5.58 8.54 -19.31
C ALA A 16 -4.25 9.19 -19.02
N GLY A 17 -3.45 9.43 -20.06
CA GLY A 17 -2.18 10.13 -19.88
C GLY A 17 -0.96 9.39 -20.41
N ILE A 18 -1.06 8.86 -21.62
CA ILE A 18 0.06 8.21 -22.27
C ILE A 18 0.46 9.04 -23.48
N GLY A 19 1.75 9.38 -23.59
CA GLY A 19 2.23 10.16 -24.72
C GLY A 19 3.36 9.45 -25.45
N ASP A 20 3.87 8.38 -24.82
CA ASP A 20 5.06 7.69 -25.27
C ASP A 20 5.29 6.57 -24.27
N THR A 21 6.47 5.95 -24.30
CA THR A 21 6.71 4.79 -23.44
C THR A 21 7.64 5.09 -22.26
N ASN A 22 7.90 6.36 -22.03
CA ASN A 22 8.88 6.77 -21.04
C ASN A 22 8.27 7.25 -19.73
N GLY A 23 6.94 7.13 -19.62
CA GLY A 23 6.20 7.69 -18.49
C GLY A 23 5.66 6.62 -17.57
N TYR A 24 5.01 7.04 -16.50
CA TYR A 24 4.36 6.11 -15.59
C TYR A 24 3.14 5.35 -16.18
N GLY A 25 2.38 6.00 -17.05
CA GLY A 25 1.25 5.36 -17.71
C GLY A 25 1.63 4.06 -18.43
N TRP A 26 2.72 4.10 -19.17
CA TRP A 26 3.24 2.90 -19.86
C TRP A 26 3.62 1.79 -18.89
N GLY A 27 4.37 2.15 -17.87
CA GLY A 27 4.75 1.20 -16.84
C GLY A 27 3.55 0.53 -16.20
N ILE A 28 2.50 1.31 -15.93
CA ILE A 28 1.29 0.77 -15.34
C ILE A 28 0.63 -0.17 -16.35
N ALA A 29 0.63 0.24 -17.61
CA ALA A 29 0.06 -0.60 -18.69
C ALA A 29 0.78 -1.94 -18.78
N LYS A 30 2.10 -1.92 -18.76
CA LYS A 30 2.91 -3.13 -18.83
C LYS A 30 2.57 -4.09 -17.73
N GLU A 31 2.51 -3.58 -16.51
CA GLU A 31 2.30 -4.43 -15.36
C GLU A 31 0.89 -4.98 -15.32
N LEU A 32 -0.08 -4.13 -15.62
CA LEU A 32 -1.46 -4.64 -15.74
C LEU A 32 -1.52 -5.76 -16.79
N SER A 33 -0.69 -5.67 -17.81
CA SER A 33 -0.71 -6.66 -18.89
C SER A 33 -0.33 -8.06 -18.42
N LYS A 34 0.57 -8.12 -17.46
CA LYS A 34 0.94 -9.40 -16.85
C LYS A 34 -0.28 -10.12 -16.28
N ARG A 35 -1.29 -9.35 -15.87
CA ARG A 35 -2.50 -9.93 -15.26
C ARG A 35 -3.59 -10.07 -16.29
N ASN A 36 -3.23 -9.95 -17.56
CA ASN A 36 -4.18 -10.12 -18.66
C ASN A 36 -5.26 -9.03 -18.72
N VAL A 37 -5.01 -7.87 -18.12
CA VAL A 37 -5.97 -6.78 -18.19
C VAL A 37 -5.94 -6.18 -19.58
N LYS A 38 -7.10 -5.87 -20.14
CA LYS A 38 -7.17 -5.22 -21.45
C LYS A 38 -7.02 -3.72 -21.27
N ILE A 39 -6.13 -3.13 -22.06
CA ILE A 39 -5.73 -1.73 -21.87
C ILE A 39 -6.27 -0.78 -22.93
N ILE A 40 -6.89 0.33 -22.53
CA ILE A 40 -7.25 1.39 -23.46
C ILE A 40 -6.47 2.64 -23.11
N PHE A 41 -5.79 3.26 -24.07
CA PHE A 41 -4.99 4.46 -23.79
C PHE A 41 -5.80 5.69 -24.12
N GLY A 42 -5.79 6.69 -23.23
CA GLY A 42 -6.28 8.00 -23.55
C GLY A 42 -5.08 8.88 -23.89
N ILE A 43 -5.04 9.42 -25.09
CA ILE A 43 -3.87 10.17 -25.55
C ILE A 43 -4.24 11.61 -25.89
N TRP A 44 -3.53 12.53 -25.25
CA TRP A 44 -3.70 13.95 -25.47
C TRP A 44 -3.61 14.27 -26.97
N PRO A 45 -4.66 14.91 -27.53
CA PRO A 45 -4.72 15.08 -28.98
C PRO A 45 -3.44 15.65 -29.67
N PRO A 46 -2.79 16.70 -29.11
CA PRO A 46 -1.59 17.23 -29.78
C PRO A 46 -0.48 16.23 -30.07
N VAL A 47 -0.45 15.10 -29.38
CA VAL A 47 0.59 14.10 -29.61
C VAL A 47 -0.01 12.77 -30.08
N TYR A 48 -1.31 12.78 -30.36
CA TYR A 48 -2.03 11.56 -30.73
C TYR A 48 -1.48 10.96 -32.02
N ASN A 49 -1.45 11.74 -33.09
CA ASN A 49 -1.02 11.20 -34.36
C ASN A 49 0.46 10.81 -34.36
N ILE A 50 1.27 11.55 -33.61
CA ILE A 50 2.66 11.21 -33.43
C ILE A 50 2.77 9.80 -32.83
N PHE A 51 2.09 9.61 -31.69
CA PHE A 51 2.00 8.31 -31.03
C PHE A 51 1.53 7.20 -31.99
N MET A 52 0.44 7.44 -32.70
CA MET A 52 -0.05 6.44 -33.63
C MET A 52 1.00 6.14 -34.69
N LYS A 53 1.69 7.19 -35.14
CA LYS A 53 2.72 7.02 -36.15
C LYS A 53 3.85 6.13 -35.61
N ASN A 54 4.37 6.48 -34.43
CA ASN A 54 5.41 5.70 -33.79
C ASN A 54 5.01 4.24 -33.59
N TYR A 55 3.79 4.05 -33.11
CA TYR A 55 3.29 2.73 -32.82
C TYR A 55 3.26 1.90 -34.10
N LYS A 56 2.62 2.43 -35.14
CA LYS A 56 2.53 1.73 -36.42
C LYS A 56 3.92 1.43 -37.01
N ASN A 57 4.88 2.34 -36.84
CA ASN A 57 6.25 2.12 -37.31
C ASN A 57 7.05 1.12 -36.46
N GLY A 58 6.42 0.53 -35.44
CA GLY A 58 7.09 -0.46 -34.59
C GLY A 58 8.04 0.09 -33.54
N LYS A 59 8.04 1.40 -33.34
CA LYS A 59 8.94 2.03 -32.37
C LYS A 59 8.75 1.54 -30.95
N PHE A 60 7.55 1.04 -30.64
CA PHE A 60 7.23 0.62 -29.27
C PHE A 60 7.27 -0.90 -29.06
N ASP A 61 7.63 -1.65 -30.10
CA ASP A 61 7.51 -3.11 -30.07
C ASP A 61 8.32 -3.76 -28.96
N ASN A 62 9.56 -3.33 -28.77
CA ASN A 62 10.38 -3.86 -27.67
C ASN A 62 9.71 -3.50 -26.35
N ASP A 63 9.26 -2.25 -26.25
CA ASP A 63 8.58 -1.80 -25.04
C ASP A 63 7.27 -2.55 -24.77
N MET A 64 6.69 -3.19 -25.77
CA MET A 64 5.44 -3.91 -25.54
C MET A 64 5.64 -5.31 -24.99
N ILE A 65 6.88 -5.78 -25.04
CA ILE A 65 7.16 -7.15 -24.60
C ILE A 65 7.00 -7.30 -23.09
N ILE A 66 6.08 -8.16 -22.67
CA ILE A 66 5.87 -8.46 -21.25
C ILE A 66 6.85 -9.53 -20.79
N ASP A 67 6.67 -10.74 -21.30
CA ASP A 67 7.64 -11.83 -21.03
C ASP A 67 7.86 -12.69 -22.27
N LYS A 68 8.48 -13.84 -22.08
CA LYS A 68 8.77 -14.76 -23.17
C LYS A 68 7.51 -15.16 -23.94
N ASP A 69 6.37 -15.10 -23.26
CA ASP A 69 5.14 -15.59 -23.87
C ASP A 69 4.22 -14.50 -24.42
N LYS A 70 4.15 -13.35 -23.75
CA LYS A 70 3.19 -12.33 -24.17
C LYS A 70 3.69 -10.90 -24.36
N LYS A 71 3.02 -10.20 -25.27
CA LYS A 71 3.20 -8.77 -25.44
C LYS A 71 1.99 -8.06 -24.83
N MET A 72 2.08 -6.74 -24.73
CA MET A 72 1.01 -5.93 -24.18
C MET A 72 -0.24 -6.04 -25.08
N ASN A 73 -1.41 -6.34 -24.50
CA ASN A 73 -2.68 -6.32 -25.22
C ASN A 73 -3.30 -4.93 -25.13
N ILE A 74 -3.08 -4.14 -26.17
CA ILE A 74 -3.69 -2.83 -26.28
C ILE A 74 -5.02 -2.94 -27.02
N LEU A 75 -6.11 -2.81 -26.27
CA LEU A 75 -7.44 -2.94 -26.85
C LEU A 75 -7.79 -1.76 -27.76
N ASP A 76 -7.40 -0.56 -27.36
CA ASP A 76 -7.71 0.58 -28.18
C ASP A 76 -6.84 1.75 -27.74
N MET A 77 -6.77 2.75 -28.61
CA MET A 77 -6.06 3.99 -28.35
C MET A 77 -6.94 5.11 -28.86
N LEU A 78 -7.26 6.06 -27.98
CA LEU A 78 -8.23 7.10 -28.29
C LEU A 78 -7.66 8.44 -27.86
N PRO A 79 -7.94 9.49 -28.65
CA PRO A 79 -7.64 10.87 -28.24
C PRO A 79 -8.51 11.26 -27.04
N PHE A 80 -7.91 11.99 -26.11
CA PHE A 80 -8.55 12.28 -24.82
C PHE A 80 -7.90 13.54 -24.30
N ASP A 81 -8.70 14.55 -24.02
CA ASP A 81 -8.16 15.81 -23.51
C ASP A 81 -8.84 16.15 -22.18
N ALA A 82 -8.06 16.12 -21.11
CA ALA A 82 -8.54 16.36 -19.77
C ALA A 82 -8.98 17.81 -19.51
N SER A 83 -8.82 18.69 -20.50
CA SER A 83 -9.24 20.10 -20.38
C SER A 83 -10.74 20.27 -20.53
N PHE A 84 -11.39 19.29 -21.17
CA PHE A 84 -12.77 19.44 -21.65
C PHE A 84 -13.68 18.38 -21.05
N ASP A 85 -14.75 18.81 -20.41
CA ASP A 85 -15.67 17.84 -19.81
C ASP A 85 -16.60 17.23 -20.84
N THR A 86 -17.20 18.09 -21.66
CA THR A 86 -18.16 17.63 -22.66
C THR A 86 -17.94 18.40 -23.94
N ALA A 87 -18.62 17.97 -24.99
CA ALA A 87 -18.53 18.61 -26.29
C ALA A 87 -18.87 20.12 -26.18
N ASN A 88 -19.69 20.47 -25.20
CA ASN A 88 -20.07 21.87 -25.00
C ASN A 88 -18.94 22.78 -24.50
N ASP A 89 -17.81 22.21 -24.08
CA ASP A 89 -16.71 23.02 -23.52
C ASP A 89 -15.57 23.36 -24.47
N ILE A 90 -15.61 22.91 -25.71
CA ILE A 90 -14.48 23.21 -26.59
C ILE A 90 -14.63 24.58 -27.24
N ASP A 91 -13.64 25.43 -27.00
CA ASP A 91 -13.63 26.76 -27.58
C ASP A 91 -13.59 26.65 -29.10
N GLU A 93 -12.62 27.34 -32.51
CA GLU A 93 -11.20 27.66 -32.43
C GLU A 93 -10.36 26.40 -32.26
N THR A 94 -10.17 25.95 -31.01
CA THR A 94 -9.39 24.73 -30.73
C THR A 94 -9.96 23.59 -31.52
N LYS A 95 -11.29 23.48 -31.55
CA LYS A 95 -11.99 22.45 -32.29
C LYS A 95 -11.45 22.35 -33.72
N ASN A 96 -10.96 23.48 -34.22
CA ASN A 96 -10.40 23.56 -35.57
C ASN A 96 -8.90 23.92 -35.63
N ASN A 97 -8.21 23.77 -34.51
CA ASN A 97 -6.75 23.85 -34.48
C ASN A 97 -6.16 22.74 -35.35
N LYS A 98 -4.94 22.96 -35.87
CA LYS A 98 -4.30 22.04 -36.80
C LYS A 98 -4.32 20.59 -36.31
N ARG A 99 -4.08 20.41 -35.02
CA ARG A 99 -3.95 19.06 -34.45
C ARG A 99 -5.24 18.49 -33.83
N TYR A 100 -6.25 19.32 -33.65
CA TYR A 100 -7.54 18.83 -33.13
C TYR A 100 -8.55 18.56 -34.23
N ASN A 101 -8.35 19.20 -35.38
CA ASN A 101 -9.37 19.20 -36.42
C ASN A 101 -9.71 17.83 -37.04
N MET A 102 -8.74 16.95 -37.17
CA MET A 102 -8.97 15.63 -37.74
C MET A 102 -9.30 14.62 -36.67
N LEU A 103 -9.61 15.11 -35.47
CA LEU A 103 -9.98 14.22 -34.39
C LEU A 103 -11.38 14.55 -33.87
N GLN A 104 -12.05 13.57 -33.27
CA GLN A 104 -13.36 13.84 -32.69
C GLN A 104 -13.58 13.03 -31.42
N ASN A 105 -14.57 13.41 -30.62
CA ASN A 105 -14.98 12.65 -29.43
C ASN A 105 -13.91 12.49 -28.36
N TYR A 106 -13.20 13.56 -28.06
CA TYR A 106 -12.03 13.46 -27.18
C TYR A 106 -12.21 14.15 -25.86
N THR A 107 -13.42 14.62 -25.56
CA THR A 107 -13.68 15.20 -24.27
C THR A 107 -13.93 14.03 -23.32
N ILE A 108 -13.82 14.31 -22.03
CA ILE A 108 -13.97 13.28 -21.00
C ILE A 108 -15.28 12.50 -21.18
N GLU A 109 -16.41 13.19 -21.20
CA GLU A 109 -17.68 12.50 -21.45
C GLU A 109 -17.72 11.73 -22.77
N ASP A 110 -17.24 12.34 -23.86
CA ASP A 110 -17.23 11.65 -25.14
C ASP A 110 -16.40 10.36 -25.11
N VAL A 111 -15.26 10.40 -24.45
CA VAL A 111 -14.42 9.20 -24.41
C VAL A 111 -15.14 8.13 -23.58
N ALA A 112 -15.80 8.56 -22.53
CA ALA A 112 -16.59 7.62 -21.72
C ALA A 112 -17.70 6.95 -22.54
N ASN A 113 -18.46 7.72 -23.31
CA ASN A 113 -19.53 7.18 -24.14
C ASN A 113 -18.99 6.22 -25.23
N LEU A 114 -17.88 6.60 -25.83
CA LEU A 114 -17.19 5.83 -26.88
C LEU A 114 -16.70 4.48 -26.37
N ILE A 115 -15.97 4.50 -25.26
CA ILE A 115 -15.50 3.28 -24.63
C ILE A 115 -16.67 2.35 -24.28
N HIS A 116 -17.70 2.94 -23.69
CA HIS A 116 -18.86 2.17 -23.30
C HIS A 116 -19.58 1.56 -24.50
N GLN A 117 -19.67 2.34 -25.58
CA GLN A 117 -20.35 1.90 -26.80
C GLN A 117 -19.62 0.74 -27.47
N LYS A 118 -18.30 0.80 -27.45
CA LYS A 118 -17.46 -0.17 -28.13
C LYS A 118 -17.25 -1.41 -27.28
N TYR A 119 -17.05 -1.23 -25.98
CA TYR A 119 -16.60 -2.36 -25.14
C TYR A 119 -17.44 -2.67 -23.90
N GLY A 120 -18.45 -1.86 -23.63
CA GLY A 120 -19.26 -2.07 -22.43
C GLY A 120 -18.57 -1.49 -21.21
N LYS A 121 -18.76 -2.12 -20.06
CA LYS A 121 -18.29 -1.57 -18.80
C LYS A 121 -16.84 -1.92 -18.51
N ILE A 122 -16.14 -1.07 -17.76
CA ILE A 122 -14.76 -1.34 -17.41
C ILE A 122 -14.66 -1.46 -15.89
N ASN A 123 -13.50 -1.81 -15.37
CA ASN A 123 -13.45 -1.88 -13.92
C ASN A 123 -12.19 -1.33 -13.32
N MET A 124 -11.36 -0.70 -14.16
CA MET A 124 -10.13 -0.06 -13.72
C MET A 124 -9.91 1.25 -14.44
N LEU A 125 -9.49 2.27 -13.71
CA LEU A 125 -9.37 3.60 -14.27
C LEU A 125 -8.10 4.20 -13.72
N VAL A 126 -7.26 4.71 -14.61
CA VAL A 126 -6.00 5.29 -14.21
C VAL A 126 -5.89 6.74 -14.72
N HIS A 127 -5.68 7.65 -13.77
CA HIS A 127 -5.40 9.05 -14.08
C HIS A 127 -3.89 9.25 -14.00
N SER A 128 -3.28 9.60 -15.12
CA SER A 128 -1.82 9.62 -15.19
C SER A 128 -1.37 10.81 -16.01
N LEU A 129 -1.79 11.99 -15.60
CA LEU A 129 -1.56 13.13 -16.43
C LEU A 129 -1.46 14.35 -15.55
N ALA A 130 -0.71 15.32 -16.02
CA ALA A 130 -0.58 16.57 -15.31
C ALA A 130 -0.32 17.59 -16.38
N ASN A 131 -0.72 18.83 -16.14
CA ASN A 131 -0.24 19.92 -16.98
C ASN A 131 -0.29 21.22 -16.22
N ALA A 132 0.63 22.14 -16.55
CA ALA A 132 0.68 23.46 -15.92
C ALA A 132 1.46 24.36 -16.86
N LYS A 133 0.79 25.30 -17.53
CA LYS A 133 1.49 26.11 -18.52
C LYS A 133 2.62 26.97 -17.95
N GLU A 134 2.64 27.19 -16.65
CA GLU A 134 3.68 28.03 -16.05
C GLU A 134 4.54 27.26 -15.05
N VAL A 135 4.69 25.96 -15.29
CA VAL A 135 5.45 25.09 -14.40
C VAL A 135 6.87 25.60 -14.12
N GLN A 136 7.43 26.35 -15.07
CA GLN A 136 8.78 26.87 -14.93
C GLN A 136 8.87 28.07 -13.98
N LYS A 137 7.74 28.66 -13.61
CA LYS A 137 7.78 29.81 -12.70
C LYS A 137 7.55 29.34 -11.29
N ASP A 138 8.14 30.00 -10.30
CA ASP A 138 7.86 29.54 -8.96
C ASP A 138 6.49 30.05 -8.53
N LEU A 139 5.95 29.46 -7.48
CA LEU A 139 4.56 29.64 -7.12
C LEU A 139 4.22 31.12 -6.99
N LEU A 140 5.11 31.86 -6.33
CA LEU A 140 4.89 33.27 -6.06
C LEU A 140 4.83 34.14 -7.32
N ASN A 141 5.45 33.68 -8.41
CA ASN A 141 5.38 34.39 -9.70
C ASN A 141 4.43 33.76 -10.71
N THR A 142 3.57 32.87 -10.26
CA THR A 142 2.58 32.26 -11.12
C THR A 142 1.33 33.14 -11.27
N SER A 143 0.83 33.27 -12.49
CA SER A 143 -0.35 34.10 -12.75
C SER A 143 -1.61 33.31 -12.36
N ARG A 144 -2.73 34.02 -12.23
CA ARG A 144 -3.99 33.36 -11.89
C ARG A 144 -4.36 32.33 -12.96
N LYS A 145 -4.23 32.76 -14.21
CA LYS A 145 -4.49 31.93 -15.36
C LYS A 145 -3.63 30.65 -15.31
N GLY A 146 -2.35 30.81 -15.00
CA GLY A 146 -1.44 29.68 -14.91
C GLY A 146 -1.79 28.71 -13.80
N TYR A 147 -2.01 29.24 -12.60
CA TYR A 147 -2.39 28.42 -11.46
C TYR A 147 -3.68 27.64 -11.72
N LEU A 148 -4.68 28.30 -12.26
CA LEU A 148 -5.95 27.64 -12.49
C LEU A 148 -5.87 26.59 -13.61
N ASP A 149 -5.05 26.86 -14.64
CA ASP A 149 -4.74 25.84 -15.66
C ASP A 149 -4.19 24.57 -15.05
N ALA A 150 -3.22 24.72 -14.16
CA ALA A 150 -2.65 23.60 -13.41
C ALA A 150 -3.71 22.83 -12.61
N LEU A 151 -4.53 23.54 -11.84
CA LEU A 151 -5.58 22.86 -11.07
C LEU A 151 -6.60 22.22 -12.02
N SER A 152 -6.89 22.90 -13.12
CA SER A 152 -7.92 22.41 -14.03
C SER A 152 -7.45 21.10 -14.66
N LYS A 153 -6.24 21.12 -15.17
CA LYS A 153 -5.75 19.97 -15.90
C LYS A 153 -5.24 18.87 -15.03
N SER A 154 -4.63 19.21 -13.90
CA SER A 154 -4.00 18.19 -13.07
C SER A 154 -4.88 17.65 -11.94
N SER A 155 -5.91 18.41 -11.55
CA SER A 155 -6.73 18.03 -10.37
C SER A 155 -8.21 17.85 -10.69
N TYR A 156 -8.87 18.89 -11.22
CA TYR A 156 -10.28 18.78 -11.57
C TYR A 156 -10.54 17.62 -12.51
N SER A 157 -9.57 17.36 -13.40
CA SER A 157 -9.73 16.31 -14.40
C SER A 157 -9.96 14.97 -13.74
N LEU A 158 -9.37 14.77 -12.55
CA LEU A 158 -9.63 13.56 -11.77
C LEU A 158 -11.11 13.46 -11.35
N ILE A 159 -11.63 14.54 -10.77
CA ILE A 159 -13.03 14.56 -10.41
C ILE A 159 -13.93 14.34 -11.63
N SER A 160 -13.62 15.01 -12.73
CA SER A 160 -14.45 14.89 -13.92
C SER A 160 -14.38 13.46 -14.50
N LEU A 161 -13.18 12.91 -14.56
CA LEU A 161 -13.02 11.52 -14.98
C LEU A 161 -13.91 10.60 -14.13
N CYS A 162 -13.93 10.80 -12.82
CA CYS A 162 -14.76 9.96 -11.95
C CYS A 162 -16.22 10.14 -12.25
N LYS A 163 -16.62 11.39 -12.46
CA LYS A 163 -18.03 11.72 -12.64
C LYS A 163 -18.59 11.05 -13.89
N TYR A 164 -17.82 11.05 -14.97
CA TYR A 164 -18.31 10.51 -16.23
C TYR A 164 -18.10 9.00 -16.37
N PHE A 165 -17.01 8.51 -15.78
CA PHE A 165 -16.71 7.10 -15.86
C PHE A 165 -17.43 6.17 -14.86
N VAL A 166 -17.93 6.68 -13.73
CA VAL A 166 -18.58 5.76 -12.80
C VAL A 166 -19.74 5.04 -13.44
N ASN A 167 -20.45 5.76 -14.32
CA ASN A 167 -21.61 5.22 -14.99
C ASN A 167 -21.26 4.06 -15.87
N ILE A 168 -19.99 3.98 -16.28
CA ILE A 168 -19.60 2.87 -17.15
C ILE A 168 -18.67 1.91 -16.44
N MET A 169 -18.69 1.94 -15.12
CA MET A 169 -17.84 1.01 -14.37
C MET A 169 -18.68 -0.02 -13.64
N LYS A 170 -18.06 -1.14 -13.31
CA LYS A 170 -18.71 -2.17 -12.52
C LYS A 170 -18.57 -1.87 -11.04
N PRO A 171 -19.47 -2.42 -10.21
CA PRO A 171 -19.26 -2.25 -8.77
C PRO A 171 -17.96 -2.93 -8.39
N GLN A 172 -17.33 -2.45 -7.32
CA GLN A 172 -16.04 -2.96 -6.86
C GLN A 172 -14.91 -2.64 -7.83
N SER A 173 -15.18 -1.70 -8.72
CA SER A 173 -14.11 -1.17 -9.55
C SER A 173 -13.18 -0.29 -8.72
N SER A 174 -12.08 0.11 -9.35
CA SER A 174 -11.02 0.76 -8.62
C SER A 174 -10.33 1.81 -9.53
N ILE A 175 -9.86 2.87 -8.92
CA ILE A 175 -9.33 4.03 -9.62
C ILE A 175 -8.03 4.45 -8.96
N ILE A 176 -7.04 4.85 -9.76
CA ILE A 176 -5.88 5.51 -9.19
C ILE A 176 -5.46 6.72 -10.00
N SER A 177 -4.73 7.62 -9.31
CA SER A 177 -4.04 8.72 -9.95
C SER A 177 -2.61 8.70 -9.44
N LEU A 178 -1.78 9.60 -9.98
CA LEU A 178 -0.40 9.74 -9.56
C LEU A 178 -0.18 11.13 -8.96
N THR A 179 0.56 11.18 -7.85
CA THR A 179 0.84 12.46 -7.26
C THR A 179 2.33 12.57 -6.92
N TYR A 180 2.73 13.66 -6.28
CA TYR A 180 4.12 13.88 -5.96
C TYR A 180 4.25 14.64 -4.62
N HIS A 181 5.32 14.33 -3.89
CA HIS A 181 5.51 14.75 -2.49
C HIS A 181 5.67 16.28 -2.35
N ALA A 182 5.84 16.99 -3.46
CA ALA A 182 5.88 18.47 -3.42
C ALA A 182 4.60 19.10 -2.84
N SER A 183 3.51 18.33 -2.87
CA SER A 183 2.24 18.73 -2.24
C SER A 183 2.39 18.90 -0.71
N GLN A 184 3.23 18.08 -0.12
CA GLN A 184 3.33 17.98 1.34
C GLN A 184 4.58 18.66 1.90
N LYS A 185 5.65 18.71 1.10
CA LYS A 185 6.92 19.32 1.52
C LYS A 185 7.45 20.11 0.34
N VAL A 186 8.20 21.17 0.62
CA VAL A 186 8.65 22.09 -0.45
C VAL A 186 9.70 21.53 -1.42
N VAL A 187 9.38 21.54 -2.71
CA VAL A 187 10.37 21.26 -3.75
C VAL A 187 10.49 22.49 -4.64
N PRO A 188 11.59 23.28 -4.47
CA PRO A 188 11.77 24.38 -5.42
C PRO A 188 12.05 23.78 -6.80
N GLY A 189 11.47 24.40 -7.80
CA GLY A 189 11.57 23.90 -9.17
C GLY A 189 10.22 23.33 -9.57
N TYR A 190 9.43 22.84 -8.62
CA TYR A 190 8.14 22.26 -8.97
C TYR A 190 7.09 23.37 -8.97
N GLY A 191 7.13 24.19 -10.01
CA GLY A 191 6.41 25.45 -9.98
C GLY A 191 5.07 25.47 -10.66
N GLY A 192 4.58 26.69 -10.91
CA GLY A 192 3.37 26.90 -11.69
C GLY A 192 2.05 26.42 -11.12
N GLY A 193 2.01 26.17 -9.81
CA GLY A 193 0.81 25.63 -9.20
C GLY A 193 0.72 24.10 -9.25
N MET A 194 1.73 23.46 -9.83
CA MET A 194 1.80 21.99 -9.78
C MET A 194 1.75 21.42 -8.36
N SER A 195 2.52 22.02 -7.44
CA SER A 195 2.47 21.62 -6.04
C SER A 195 1.05 21.73 -5.48
N SER A 196 0.40 22.84 -5.80
CA SER A 196 -0.94 23.14 -5.30
C SER A 196 -1.92 22.11 -5.86
N ALA A 197 -1.74 21.80 -7.13
CA ALA A 197 -2.58 20.83 -7.83
C ALA A 197 -2.46 19.45 -7.20
N LYS A 198 -1.25 19.04 -6.85
CA LYS A 198 -1.09 17.73 -6.22
C LYS A 198 -1.68 17.73 -4.81
N ALA A 199 -1.56 18.84 -4.10
CA ALA A 199 -2.24 18.94 -2.79
C ALA A 199 -3.75 18.76 -2.92
N ALA A 200 -4.37 19.44 -3.87
CA ALA A 200 -5.82 19.30 -4.10
C ALA A 200 -6.15 17.87 -4.47
N LEU A 201 -5.35 17.30 -5.38
CA LEU A 201 -5.52 15.92 -5.85
C LEU A 201 -5.55 14.89 -4.71
N GLU A 202 -4.59 14.98 -3.80
CA GLU A 202 -4.54 14.09 -2.64
C GLU A 202 -5.75 14.27 -1.69
N SER A 203 -6.21 15.50 -1.58
CA SER A 203 -7.33 15.80 -0.71
C SER A 203 -8.64 15.31 -1.37
N ASP A 204 -8.73 15.58 -2.67
CA ASP A 204 -9.88 15.14 -3.45
C ASP A 204 -10.00 13.60 -3.48
N THR A 205 -8.86 12.92 -3.50
CA THR A 205 -8.86 11.46 -3.45
C THR A 205 -9.62 10.96 -2.22
N ARG A 206 -9.39 11.58 -1.06
CA ARG A 206 -10.19 11.23 0.13
C ARG A 206 -11.66 11.54 -0.04
N VAL A 207 -12.00 12.72 -0.53
CA VAL A 207 -13.41 13.10 -0.53
C VAL A 207 -14.15 12.23 -1.56
N LEU A 208 -13.52 12.01 -2.72
CA LEU A 208 -14.04 11.09 -3.73
C LEU A 208 -14.19 9.69 -3.18
N ALA A 209 -13.20 9.25 -2.39
CA ALA A 209 -13.26 7.92 -1.76
C ALA A 209 -14.52 7.75 -0.90
N TYR A 210 -14.82 8.78 -0.12
CA TYR A 210 -16.09 8.81 0.61
C TYR A 210 -17.33 8.65 -0.29
N HIS A 211 -17.50 9.52 -1.30
CA HIS A 211 -18.68 9.49 -2.16
C HIS A 211 -18.73 8.23 -3.02
N LEU A 212 -17.62 7.86 -3.63
CA LEU A 212 -17.56 6.67 -4.49
C LEU A 212 -17.75 5.41 -3.67
N GLY A 213 -17.17 5.41 -2.47
CA GLY A 213 -17.24 4.24 -1.60
C GLY A 213 -18.65 3.99 -1.13
N ARG A 214 -19.28 5.02 -0.57
CA ARG A 214 -20.63 4.88 -0.01
C ARG A 214 -21.69 4.68 -1.08
N ASN A 215 -21.54 5.35 -2.21
CA ASN A 215 -22.58 5.32 -3.22
C ASN A 215 -22.44 4.19 -4.20
N TYR A 216 -21.20 3.81 -4.56
CA TYR A 216 -20.98 2.81 -5.61
C TYR A 216 -20.11 1.64 -5.20
N ASN A 217 -19.60 1.67 -3.98
CA ASN A 217 -18.60 0.69 -3.57
C ASN A 217 -17.40 0.66 -4.50
N ILE A 218 -17.01 1.85 -4.97
CA ILE A 218 -15.85 1.96 -5.84
C ILE A 218 -14.71 2.56 -5.02
N ARG A 219 -13.50 2.06 -5.20
CA ARG A 219 -12.37 2.55 -4.44
C ARG A 219 -11.55 3.53 -5.26
N ILE A 220 -10.87 4.45 -4.56
CA ILE A 220 -9.97 5.34 -5.25
C ILE A 220 -8.78 5.67 -4.36
N ASN A 221 -7.57 5.60 -4.94
CA ASN A 221 -6.33 5.93 -4.25
C ASN A 221 -5.37 6.67 -5.18
N THR A 222 -4.29 7.20 -4.60
CA THR A 222 -3.29 7.89 -5.39
C THR A 222 -1.91 7.36 -5.04
N ILE A 223 -1.06 7.27 -6.05
CA ILE A 223 0.29 6.83 -5.82
C ILE A 223 1.21 8.03 -5.87
N SER A 224 1.89 8.30 -4.77
CA SER A 224 2.91 9.32 -4.77
C SER A 224 4.25 8.72 -5.23
N ALA A 225 4.64 9.05 -6.45
CA ALA A 225 5.80 8.44 -7.08
C ALA A 225 7.07 9.27 -6.85
N GLY A 226 8.20 8.59 -6.91
CA GLY A 226 9.51 9.21 -6.90
C GLY A 226 9.82 9.61 -8.32
N PRO A 227 10.99 10.23 -8.53
CA PRO A 227 11.21 10.88 -9.84
C PRO A 227 11.53 9.86 -10.93
N LEU A 228 11.04 10.15 -12.13
CA LEU A 228 11.22 9.28 -13.29
C LEU A 228 11.56 10.20 -14.46
N LYS A 229 12.58 9.85 -15.24
CA LYS A 229 12.89 10.70 -16.40
C LYS A 229 11.93 10.48 -17.58
N SER A 230 10.68 10.91 -17.41
CA SER A 230 9.69 10.90 -18.46
C SER A 230 9.91 12.14 -19.32
N ARG A 231 9.24 12.20 -20.48
CA ARG A 231 9.36 13.35 -21.37
C ARG A 231 8.91 14.63 -20.67
N ALA A 232 7.76 14.57 -20.02
CA ALA A 232 7.23 15.75 -19.34
C ALA A 232 8.18 16.26 -18.25
N ALA A 233 8.78 15.34 -17.50
CA ALA A 233 9.65 15.72 -16.38
C ALA A 233 10.86 16.48 -16.92
N THR A 234 11.41 15.95 -18.01
CA THR A 234 12.56 16.52 -18.70
C THR A 234 12.26 17.94 -19.17
N ALA A 235 10.99 18.17 -19.51
CA ALA A 235 10.49 19.47 -19.96
C ALA A 235 10.44 20.57 -18.87
N ILE A 236 10.47 20.17 -17.60
CA ILE A 236 10.48 21.13 -16.49
C ILE A 236 11.82 21.86 -16.38
N THR A 280 19.05 19.34 -15.47
CA THR A 280 17.66 19.73 -15.23
C THR A 280 17.15 19.37 -13.84
N PHE A 281 15.99 19.93 -13.51
CA PHE A 281 15.26 19.62 -12.29
C PHE A 281 15.12 18.10 -12.05
N ILE A 282 14.77 17.36 -13.09
CA ILE A 282 14.55 15.93 -12.91
C ILE A 282 15.86 15.18 -12.69
N ASP A 283 16.92 15.62 -13.36
CA ASP A 283 18.24 15.00 -13.17
C ASP A 283 18.68 15.16 -11.73
N TYR A 284 18.52 16.36 -11.19
CA TYR A 284 18.84 16.60 -9.79
C TYR A 284 18.00 15.71 -8.88
N ALA A 285 16.71 15.64 -9.16
CA ALA A 285 15.81 14.87 -8.31
C ALA A 285 16.15 13.38 -8.34
N ILE A 286 16.46 12.86 -9.53
CA ILE A 286 16.85 11.47 -9.67
C ILE A 286 18.17 11.20 -8.96
N GLU A 287 19.18 12.02 -9.24
CA GLU A 287 20.46 11.89 -8.58
C GLU A 287 20.32 11.96 -7.05
N TYR A 288 19.50 12.89 -6.59
CA TYR A 288 19.31 13.03 -5.15
C TYR A 288 18.61 11.79 -4.56
N SER A 289 17.52 11.36 -5.19
CA SER A 289 16.79 10.17 -4.76
C SER A 289 17.70 8.90 -4.73
N GLU A 290 18.53 8.73 -5.76
CA GLU A 290 19.37 7.54 -5.82
C GLU A 290 20.52 7.57 -4.84
N LYS A 291 20.89 8.76 -4.37
CA LYS A 291 21.96 8.86 -3.40
C LYS A 291 21.45 8.71 -1.97
N TYR A 292 20.24 9.18 -1.70
CA TYR A 292 19.75 9.34 -0.32
C TYR A 292 18.57 8.50 0.07
N ALA A 293 17.81 7.97 -0.88
CA ALA A 293 16.69 7.10 -0.49
C ALA A 293 17.19 5.88 0.31
N PRO A 294 16.36 5.36 1.23
CA PRO A 294 16.72 4.12 1.95
C PRO A 294 17.11 3.00 0.98
N LEU A 295 16.42 2.89 -0.15
CA LEU A 295 16.74 1.85 -1.12
C LEU A 295 17.42 2.51 -2.29
N ARG A 296 18.62 2.04 -2.60
CA ARG A 296 19.41 2.70 -3.63
C ARG A 296 19.27 2.17 -5.09
N GLN A 297 18.44 1.16 -5.30
CA GLN A 297 18.11 0.71 -6.67
C GLN A 297 17.53 1.87 -7.50
N LYS A 298 17.58 1.76 -8.83
CA LYS A 298 16.95 2.75 -9.71
C LYS A 298 15.44 2.58 -9.74
N LEU A 299 14.69 3.68 -9.63
CA LEU A 299 13.24 3.61 -9.65
C LEU A 299 12.69 3.45 -11.06
N LEU A 300 11.96 2.37 -11.30
CA LEU A 300 11.43 2.08 -12.63
C LEU A 300 9.95 2.41 -12.72
N SER A 301 9.49 2.77 -13.91
CA SER A 301 8.06 3.01 -14.12
C SER A 301 7.25 1.78 -13.77
N THR A 302 7.79 0.60 -14.07
CA THR A 302 7.13 -0.65 -13.68
C THR A 302 7.10 -0.88 -12.14
N ASP A 303 7.99 -0.25 -11.38
CA ASP A 303 7.82 -0.27 -9.91
C ASP A 303 6.53 0.43 -9.47
N ILE A 304 6.15 1.48 -10.19
CA ILE A 304 4.89 2.15 -9.90
C ILE A 304 3.76 1.29 -10.47
N GLY A 305 4.05 0.67 -11.61
CA GLY A 305 3.04 -0.14 -12.28
C GLY A 305 2.54 -1.33 -11.46
N SER A 306 3.45 -1.99 -10.77
CA SER A 306 3.05 -3.16 -10.00
C SER A 306 2.24 -2.72 -8.78
N VAL A 307 2.56 -1.55 -8.22
CA VAL A 307 1.78 -1.06 -7.09
C VAL A 307 0.40 -0.70 -7.60
N ALA A 308 0.35 -0.04 -8.76
CA ALA A 308 -0.91 0.37 -9.37
C ALA A 308 -1.74 -0.85 -9.66
N SER A 309 -1.07 -1.88 -10.16
CA SER A 309 -1.75 -3.13 -10.49
C SER A 309 -2.41 -3.72 -9.27
N PHE A 310 -1.70 -3.65 -8.14
CA PHE A 310 -2.24 -4.16 -6.89
C PHE A 310 -3.43 -3.31 -6.37
N LEU A 311 -3.33 -1.97 -6.44
CA LEU A 311 -4.39 -1.10 -5.93
C LEU A 311 -5.64 -1.23 -6.79
N LEU A 312 -5.43 -1.60 -8.06
CA LEU A 312 -6.54 -1.75 -8.99
C LEU A 312 -7.19 -3.14 -8.93
N SER A 313 -6.60 -4.05 -8.18
CA SER A 313 -7.16 -5.40 -8.09
C SER A 313 -7.93 -5.61 -6.79
N ARG A 314 -8.68 -6.70 -6.72
CA ARG A 314 -9.40 -7.06 -5.51
C ARG A 314 -8.52 -7.31 -4.30
N GLU A 315 -7.21 -7.53 -4.50
CA GLU A 315 -6.32 -7.80 -3.35
C GLU A 315 -6.24 -6.61 -2.38
N SER A 316 -6.55 -5.42 -2.88
CA SER A 316 -6.51 -4.22 -2.04
C SER A 316 -7.91 -3.73 -1.68
N ARG A 317 -8.89 -4.65 -1.58
CA ARG A 317 -10.31 -4.26 -1.45
C ARG A 317 -10.63 -3.43 -0.21
N ALA A 318 -9.75 -3.42 0.79
CA ALA A 318 -10.00 -2.67 2.01
C ALA A 318 -9.17 -1.37 2.10
N ILE A 319 -8.54 -1.00 0.97
CA ILE A 319 -7.75 0.24 0.89
C ILE A 319 -8.44 1.25 0.02
N THR A 320 -8.77 2.42 0.57
CA THR A 320 -9.36 3.46 -0.25
C THR A 320 -9.09 4.85 0.31
N GLY A 321 -8.95 5.83 -0.58
CA GLY A 321 -8.73 7.18 -0.13
C GLY A 321 -7.28 7.44 0.28
N GLN A 322 -6.37 6.53 -0.04
CA GLN A 322 -5.00 6.65 0.47
C GLN A 322 -4.02 7.27 -0.53
N THR A 323 -2.99 7.93 0.01
CA THR A 323 -1.82 8.30 -0.77
C THR A 323 -0.74 7.29 -0.45
N ILE A 324 -0.36 6.49 -1.44
CA ILE A 324 0.62 5.42 -1.21
C ILE A 324 1.95 5.83 -1.82
N TYR A 325 3.00 5.90 -1.00
CA TYR A 325 4.31 6.34 -1.48
C TYR A 325 5.11 5.20 -2.14
N VAL A 326 5.45 5.39 -3.41
CA VAL A 326 6.23 4.38 -4.14
C VAL A 326 7.43 5.11 -4.67
N ASP A 327 8.48 5.19 -3.85
CA ASP A 327 9.57 6.15 -4.06
C ASP A 327 10.86 5.71 -3.42
N ASN A 328 11.02 4.39 -3.26
CA ASN A 328 12.21 3.85 -2.58
C ASN A 328 12.42 4.35 -1.16
N GLY A 329 11.37 4.92 -0.58
CA GLY A 329 11.37 5.36 0.79
C GLY A 329 11.86 6.78 0.99
N LEU A 330 12.19 7.49 -0.09
CA LEU A 330 12.76 8.82 0.07
C LEU A 330 11.92 9.79 0.95
N ASN A 331 10.58 9.69 0.90
CA ASN A 331 9.74 10.61 1.66
C ASN A 331 9.97 10.56 3.18
N ILE A 332 10.58 9.48 3.67
CA ILE A 332 10.70 9.33 5.13
C ILE A 332 11.92 10.04 5.70
N MET A 333 12.78 10.55 4.82
CA MET A 333 14.04 11.10 5.29
C MET A 333 13.89 12.59 5.68
N PHE A 334 14.61 13.02 6.70
CA PHE A 334 14.68 14.44 7.01
C PHE A 334 16.05 14.97 6.65
N LEU A 335 17.03 14.48 7.39
CA LEU A 335 18.40 14.95 7.23
C LEU A 335 19.17 13.95 6.40
N PRO A 336 19.63 14.39 5.21
CA PRO A 336 20.55 13.59 4.40
C PRO A 336 21.87 13.34 5.13
N ASP A 337 22.28 12.08 5.21
CA ASP A 337 23.57 11.71 5.81
C ASP A 337 24.76 12.07 4.93
N GLU B 10 12.02 -20.69 -3.46
CA GLU B 10 10.66 -20.61 -2.92
C GLU B 10 10.59 -19.87 -1.58
N ASP B 11 9.56 -19.04 -1.42
CA ASP B 11 9.41 -18.12 -0.30
C ASP B 11 9.12 -18.79 1.07
N ILE B 12 9.78 -18.32 2.11
CA ILE B 12 9.48 -18.77 3.47
C ILE B 12 9.22 -17.55 4.37
N CYS B 13 8.14 -17.61 5.15
CA CYS B 13 7.77 -16.51 6.02
C CYS B 13 7.66 -16.96 7.48
N PHE B 14 8.24 -16.17 8.37
CA PHE B 14 8.03 -16.39 9.79
C PHE B 14 6.97 -15.40 10.28
N ILE B 15 5.92 -15.93 10.91
CA ILE B 15 4.85 -15.12 11.46
C ILE B 15 4.91 -15.16 12.99
N ALA B 16 5.27 -14.03 13.59
CA ALA B 16 5.38 -13.95 15.03
C ALA B 16 4.11 -13.34 15.63
N GLY B 17 3.37 -14.15 16.38
CA GLY B 17 2.13 -13.71 17.01
C GLY B 17 0.89 -14.36 16.41
N ILE B 18 0.79 -15.67 16.55
CA ILE B 18 -0.41 -16.39 16.16
C ILE B 18 -0.78 -17.21 17.36
N GLY B 19 -2.03 -17.10 17.82
CA GLY B 19 -2.45 -17.88 18.96
C GLY B 19 -3.73 -18.65 18.68
N ASP B 20 -4.29 -18.44 17.50
CA ASP B 20 -5.57 -19.04 17.11
C ASP B 20 -5.87 -18.63 15.68
N THR B 21 -7.09 -18.86 15.22
CA THR B 21 -7.46 -18.53 13.85
C THR B 21 -8.26 -17.22 13.77
N ASN B 22 -8.35 -16.51 14.88
CA ASN B 22 -9.23 -15.35 14.94
C ASN B 22 -8.57 -13.98 14.80
N GLY B 23 -7.24 -13.95 14.77
CA GLY B 23 -6.51 -12.70 14.68
C GLY B 23 -5.95 -12.45 13.29
N TYR B 24 -5.16 -11.39 13.15
CA TYR B 24 -4.66 -11.01 11.83
C TYR B 24 -3.55 -11.93 11.35
N GLY B 25 -2.82 -12.52 12.29
CA GLY B 25 -1.75 -13.44 11.94
C GLY B 25 -2.24 -14.60 11.08
N TRP B 26 -3.36 -15.19 11.46
CA TRP B 26 -3.94 -16.30 10.68
C TRP B 26 -4.36 -15.82 9.30
N GLY B 27 -4.96 -14.64 9.24
CA GLY B 27 -5.41 -14.08 7.98
C GLY B 27 -4.23 -13.86 7.07
N ILE B 28 -3.12 -13.42 7.66
CA ILE B 28 -1.89 -13.25 6.90
C ILE B 28 -1.33 -14.58 6.40
N ALA B 29 -1.34 -15.60 7.26
CA ALA B 29 -0.85 -16.93 6.92
C ALA B 29 -1.66 -17.50 5.77
N LYS B 30 -2.97 -17.32 5.87
CA LYS B 30 -3.87 -17.90 4.91
C LYS B 30 -3.65 -17.28 3.53
N GLU B 31 -3.48 -15.98 3.47
CA GLU B 31 -3.26 -15.31 2.19
C GLU B 31 -1.88 -15.66 1.62
N LEU B 32 -0.89 -15.78 2.48
CA LEU B 32 0.42 -16.18 2.01
C LEU B 32 0.42 -17.59 1.42
N SER B 33 -0.17 -18.56 2.13
CA SER B 33 -0.22 -19.94 1.63
C SER B 33 -0.92 -19.99 0.29
N LYS B 34 -1.90 -19.12 0.10
CA LYS B 34 -2.64 -19.04 -1.13
C LYS B 34 -1.68 -18.77 -2.28
N ARG B 35 -0.61 -18.04 -1.99
CA ARG B 35 0.40 -17.75 -3.00
C ARG B 35 1.60 -18.66 -2.85
N ASN B 36 1.38 -19.81 -2.19
CA ASN B 36 2.39 -20.87 -2.06
C ASN B 36 3.67 -20.44 -1.31
N VAL B 37 3.53 -19.47 -0.42
CA VAL B 37 4.62 -19.11 0.47
C VAL B 37 4.64 -20.12 1.64
N LYS B 38 5.82 -20.61 2.04
CA LYS B 38 5.87 -21.52 3.18
C LYS B 38 5.82 -20.73 4.47
N ILE B 39 5.04 -21.20 5.43
CA ILE B 39 4.83 -20.41 6.63
C ILE B 39 5.26 -21.10 7.91
N ILE B 40 5.99 -20.37 8.73
CA ILE B 40 6.42 -20.83 10.04
C ILE B 40 5.74 -20.00 11.14
N PHE B 41 4.99 -20.64 12.02
CA PHE B 41 4.29 -19.95 13.10
C PHE B 41 5.18 -19.84 14.33
N GLY B 42 5.29 -18.65 14.90
CA GLY B 42 5.95 -18.45 16.18
C GLY B 42 4.87 -18.19 17.21
N ILE B 43 4.73 -19.09 18.19
CA ILE B 43 3.56 -19.10 19.05
C ILE B 43 3.96 -18.85 20.51
N TRP B 44 3.32 -17.87 21.14
CA TRP B 44 3.58 -17.56 22.55
C TRP B 44 3.41 -18.79 23.46
N PRO B 45 4.42 -19.08 24.30
CA PRO B 45 4.32 -20.29 25.13
C PRO B 45 3.08 -20.45 26.04
N PRO B 46 2.49 -19.35 26.54
CA PRO B 46 1.25 -19.61 27.29
C PRO B 46 0.13 -20.27 26.48
N VAL B 47 0.09 -20.09 25.17
CA VAL B 47 -0.99 -20.68 24.39
C VAL B 47 -0.48 -21.78 23.45
N TYR B 48 0.81 -22.10 23.55
CA TYR B 48 1.45 -23.00 22.58
C TYR B 48 0.88 -24.44 22.59
N ASN B 49 0.77 -25.02 23.78
CA ASN B 49 0.24 -26.37 23.90
C ASN B 49 -1.23 -26.46 23.49
N ILE B 50 -2.00 -25.44 23.85
CA ILE B 50 -3.41 -25.35 23.45
C ILE B 50 -3.55 -25.28 21.93
N PHE B 51 -2.79 -24.40 21.32
CA PHE B 51 -2.80 -24.28 19.87
C PHE B 51 -2.40 -25.61 19.19
N MET B 52 -1.30 -26.21 19.62
CA MET B 52 -0.85 -27.46 19.00
C MET B 52 -1.94 -28.53 19.09
N LYS B 53 -2.57 -28.61 20.25
CA LYS B 53 -3.57 -29.64 20.53
C LYS B 53 -4.79 -29.47 19.63
N ASN B 54 -5.29 -28.24 19.57
CA ASN B 54 -6.41 -27.93 18.68
C ASN B 54 -6.06 -28.24 17.24
N TYR B 55 -4.82 -27.97 16.88
CA TYR B 55 -4.35 -28.21 15.53
C TYR B 55 -4.35 -29.71 15.24
N LYS B 56 -3.74 -30.47 16.14
CA LYS B 56 -3.63 -31.91 15.96
C LYS B 56 -5.00 -32.60 15.96
N ASN B 57 -5.96 -32.01 16.67
CA ASN B 57 -7.32 -32.55 16.73
C ASN B 57 -8.22 -32.08 15.58
N GLY B 58 -7.64 -31.35 14.62
CA GLY B 58 -8.38 -30.92 13.46
C GLY B 58 -9.33 -29.76 13.70
N LYS B 59 -9.19 -29.08 14.83
CA LYS B 59 -10.06 -27.94 15.16
C LYS B 59 -9.91 -26.79 14.17
N PHE B 60 -8.77 -26.74 13.48
CA PHE B 60 -8.47 -25.60 12.63
C PHE B 60 -8.72 -25.94 11.18
N ASP B 61 -9.08 -27.20 10.93
CA ASP B 61 -9.28 -27.70 9.57
C ASP B 61 -10.15 -26.81 8.68
N ASN B 62 -11.30 -26.37 9.20
CA ASN B 62 -12.20 -25.53 8.42
C ASN B 62 -11.56 -24.18 8.14
N ASP B 63 -10.87 -23.65 9.14
CA ASP B 63 -10.23 -22.35 8.99
C ASP B 63 -9.06 -22.42 8.02
N MET B 64 -8.53 -23.62 7.81
CA MET B 64 -7.38 -23.79 6.93
C MET B 64 -7.81 -23.92 5.48
N ILE B 65 -9.11 -24.01 5.25
CA ILE B 65 -9.65 -24.10 3.91
C ILE B 65 -9.55 -22.74 3.23
N ILE B 66 -8.67 -22.66 2.23
CA ILE B 66 -8.44 -21.42 1.50
C ILE B 66 -9.61 -21.18 0.56
N ASP B 67 -9.84 -22.15 -0.33
CA ASP B 67 -11.02 -22.15 -1.17
C ASP B 67 -11.52 -23.57 -1.46
N LYS B 68 -12.26 -23.72 -2.54
CA LYS B 68 -12.96 -24.96 -2.84
C LYS B 68 -12.05 -26.19 -2.99
N ASP B 69 -10.80 -25.98 -3.43
CA ASP B 69 -9.87 -27.10 -3.59
C ASP B 69 -8.43 -26.77 -3.16
N LYS B 70 -8.28 -25.79 -2.28
CA LYS B 70 -6.96 -25.42 -1.77
C LYS B 70 -6.97 -25.27 -0.25
N LYS B 71 -5.99 -25.88 0.41
CA LYS B 71 -5.88 -25.82 1.87
C LYS B 71 -4.51 -25.32 2.32
N MET B 72 -4.48 -24.56 3.40
CA MET B 72 -3.22 -24.06 3.96
C MET B 72 -2.28 -25.19 4.28
N ASN B 73 -1.01 -25.01 3.96
CA ASN B 73 0.03 -25.87 4.49
C ASN B 73 0.95 -25.08 5.38
N ILE B 74 1.17 -25.58 6.59
CA ILE B 74 2.04 -24.92 7.53
C ILE B 74 3.34 -25.68 7.70
N LEU B 75 4.45 -24.99 7.42
CA LEU B 75 5.75 -25.62 7.46
C LEU B 75 6.20 -26.00 8.85
N ASP B 76 5.98 -25.13 9.84
CA ASP B 76 6.40 -25.45 11.21
C ASP B 76 5.70 -24.52 12.20
N MET B 77 5.75 -24.89 13.49
CA MET B 77 5.14 -24.12 14.56
C MET B 77 6.10 -24.19 15.73
N LEU B 78 6.55 -23.02 16.20
CA LEU B 78 7.61 -22.97 17.20
C LEU B 78 7.21 -22.10 18.38
N PRO B 79 7.59 -22.51 19.59
CA PRO B 79 7.35 -21.65 20.74
C PRO B 79 8.20 -20.40 20.57
N PHE B 80 7.61 -19.25 20.88
CA PHE B 80 8.28 -18.00 20.63
C PHE B 80 7.79 -16.93 21.60
N ASP B 81 8.73 -16.33 22.31
CA ASP B 81 8.37 -15.25 23.21
C ASP B 81 9.22 -14.01 22.89
N ALA B 82 8.57 -13.04 22.26
CA ALA B 82 9.18 -11.78 21.85
C ALA B 82 9.66 -10.88 23.01
N SER B 83 9.41 -11.29 24.26
CA SER B 83 9.93 -10.57 25.44
C SER B 83 11.43 -10.79 25.63
N PHE B 84 11.96 -11.84 25.02
CA PHE B 84 13.33 -12.23 25.32
C PHE B 84 14.23 -12.17 24.10
N ASP B 85 15.30 -11.38 24.19
CA ASP B 85 16.23 -11.28 23.07
C ASP B 85 17.09 -12.53 22.91
N THR B 86 17.68 -13.00 24.00
CA THR B 86 18.54 -14.17 23.99
C THR B 86 18.23 -15.05 25.19
N ALA B 87 18.76 -16.27 25.20
CA ALA B 87 18.64 -17.19 26.33
C ALA B 87 19.04 -16.51 27.65
N ASN B 88 20.08 -15.69 27.63
CA ASN B 88 20.51 -15.02 28.86
C ASN B 88 19.51 -14.02 29.44
N ASP B 89 18.56 -13.55 28.63
CA ASP B 89 17.53 -12.62 29.10
C ASP B 89 16.41 -13.32 29.87
N ILE B 90 16.28 -14.64 29.77
CA ILE B 90 15.17 -15.32 30.44
C ILE B 90 15.42 -15.41 31.94
N ASP B 91 14.55 -14.77 32.73
CA ASP B 91 14.64 -14.86 34.20
C ASP B 91 14.40 -16.30 34.66
N GLU B 92 14.91 -16.64 35.85
CA GLU B 92 14.72 -17.97 36.38
C GLU B 92 13.25 -18.37 36.50
N GLU B 93 12.41 -17.44 36.97
CA GLU B 93 11.00 -17.76 37.19
C GLU B 93 10.29 -18.19 35.89
N THR B 94 10.43 -17.41 34.83
CA THR B 94 9.84 -17.76 33.56
C THR B 94 10.38 -19.11 33.07
N LYS B 95 11.68 -19.30 33.17
CA LYS B 95 12.36 -20.48 32.66
C LYS B 95 11.76 -21.73 33.30
N ASN B 96 11.43 -21.62 34.58
CA ASN B 96 10.89 -22.75 35.30
C ASN B 96 9.36 -22.75 35.40
N ASN B 97 8.73 -21.77 34.77
CA ASN B 97 7.27 -21.69 34.83
C ASN B 97 6.60 -22.88 34.13
N LYS B 98 5.47 -23.34 34.68
CA LYS B 98 4.68 -24.48 34.18
C LYS B 98 4.55 -24.57 32.65
N ARG B 99 4.36 -23.43 31.98
CA ARG B 99 4.08 -23.39 30.55
C ARG B 99 5.35 -23.26 29.73
N TYR B 100 6.44 -22.81 30.34
CA TYR B 100 7.72 -22.61 29.63
C TYR B 100 8.75 -23.72 29.90
N ASN B 101 8.58 -24.43 31.01
CA ASN B 101 9.63 -25.31 31.49
C ASN B 101 10.00 -26.46 30.53
N MET B 102 9.05 -26.85 29.70
CA MET B 102 9.26 -27.96 28.77
C MET B 102 9.78 -27.45 27.43
N LEU B 103 9.69 -26.14 27.22
CA LEU B 103 9.98 -25.59 25.90
C LEU B 103 11.42 -25.10 25.81
N GLN B 104 11.96 -25.02 24.60
CA GLN B 104 13.29 -24.45 24.40
C GLN B 104 13.39 -23.63 23.11
N ASN B 105 14.52 -22.95 22.94
CA ASN B 105 14.76 -22.10 21.79
C ASN B 105 13.65 -21.15 21.44
N TYR B 106 13.10 -20.47 22.42
CA TYR B 106 11.94 -19.61 22.17
C TYR B 106 12.27 -18.10 22.26
N THR B 107 13.54 -17.77 22.50
CA THR B 107 13.93 -16.36 22.50
C THR B 107 14.07 -15.93 21.07
N ILE B 108 14.15 -14.62 20.85
CA ILE B 108 14.28 -14.09 19.49
C ILE B 108 15.57 -14.60 18.80
N GLU B 109 16.68 -14.58 19.51
CA GLU B 109 17.92 -15.10 18.95
C GLU B 109 17.84 -16.61 18.65
N ASP B 110 17.27 -17.39 19.58
CA ASP B 110 17.25 -18.85 19.42
C ASP B 110 16.30 -19.28 18.32
N VAL B 111 15.17 -18.60 18.16
CA VAL B 111 14.24 -19.06 17.13
CA VAL B 111 14.22 -19.03 17.12
C VAL B 111 14.82 -18.75 15.74
N ALA B 112 15.51 -17.62 15.61
CA ALA B 112 16.15 -17.30 14.35
C ALA B 112 17.23 -18.34 14.03
N ASN B 113 18.03 -18.68 15.02
CA ASN B 113 19.06 -19.70 14.85
C ASN B 113 18.45 -21.05 14.49
N LEU B 114 17.37 -21.43 15.18
CA LEU B 114 16.68 -22.67 14.89
C LEU B 114 16.15 -22.67 13.47
N ILE B 115 15.48 -21.59 13.08
CA ILE B 115 14.90 -21.55 11.76
C ILE B 115 15.98 -21.70 10.69
N HIS B 116 17.09 -21.02 10.89
CA HIS B 116 18.13 -21.01 9.90
C HIS B 116 18.73 -22.40 9.73
N GLN B 117 19.03 -23.04 10.86
CA GLN B 117 19.57 -24.39 10.87
C GLN B 117 18.64 -25.40 10.20
N LYS B 118 17.34 -25.23 10.39
CA LYS B 118 16.37 -26.19 9.86
C LYS B 118 16.06 -25.92 8.39
N TYR B 119 15.96 -24.64 8.02
CA TYR B 119 15.43 -24.30 6.70
C TYR B 119 16.30 -23.38 5.87
N GLY B 120 17.43 -22.95 6.42
CA GLY B 120 18.24 -21.94 5.75
C GLY B 120 17.64 -20.53 5.86
N LYS B 121 18.09 -19.65 4.98
CA LYS B 121 17.66 -18.27 4.98
C LYS B 121 16.22 -18.14 4.53
N ILE B 122 15.50 -17.17 5.10
CA ILE B 122 14.12 -16.93 4.70
C ILE B 122 14.04 -15.54 4.08
N ASN B 123 12.87 -15.13 3.59
CA ASN B 123 12.78 -13.85 2.91
C ASN B 123 11.60 -12.97 3.29
N MET B 124 10.79 -13.44 4.25
CA MET B 124 9.64 -12.69 4.69
C MET B 124 9.51 -12.80 6.20
N LEU B 125 9.12 -11.71 6.85
CA LEU B 125 9.00 -11.71 8.31
C LEU B 125 7.78 -10.91 8.75
N VAL B 126 6.89 -11.54 9.52
CA VAL B 126 5.69 -10.87 10.00
C VAL B 126 5.69 -10.73 11.53
N HIS B 127 5.59 -9.47 11.97
CA HIS B 127 5.43 -9.11 13.37
C HIS B 127 3.93 -8.86 13.52
N SER B 128 3.27 -9.75 14.26
N SER B 128 3.25 -9.74 14.23
CA SER B 128 1.83 -9.65 14.43
CA SER B 128 1.82 -9.60 14.43
C SER B 128 1.47 -9.83 15.89
C SER B 128 1.46 -9.81 15.90
N LEU B 129 2.18 -9.14 16.78
CA LEU B 129 1.94 -9.26 18.19
C LEU B 129 1.91 -7.92 18.91
N ALA B 130 1.27 -7.92 20.07
CA ALA B 130 1.15 -6.74 20.89
C ALA B 130 0.87 -7.29 22.26
N ASN B 131 1.28 -6.56 23.28
CA ASN B 131 0.88 -6.87 24.64
C ASN B 131 1.07 -5.66 25.51
N ALA B 132 0.27 -5.60 26.57
CA ALA B 132 0.26 -4.46 27.48
C ALA B 132 -0.52 -4.81 28.76
N LYS B 133 0.19 -4.89 29.88
CA LYS B 133 -0.42 -5.27 31.14
C LYS B 133 -1.59 -4.39 31.58
N GLU B 134 -1.53 -3.10 31.23
CA GLU B 134 -2.51 -2.15 31.74
C GLU B 134 -3.36 -1.57 30.64
N VAL B 135 -3.62 -2.36 29.59
CA VAL B 135 -4.41 -1.88 28.45
C VAL B 135 -5.77 -1.33 28.89
N GLN B 136 -6.29 -1.82 30.02
CA GLN B 136 -7.61 -1.39 30.49
C GLN B 136 -7.61 -0.05 31.19
N LYS B 137 -6.44 0.51 31.44
CA LYS B 137 -6.39 1.81 32.09
C LYS B 137 -6.18 2.88 31.04
N ASP B 138 -6.67 4.08 31.27
CA ASP B 138 -6.33 5.10 30.31
C ASP B 138 -4.89 5.55 30.55
N LEU B 139 -4.30 6.20 29.54
CA LEU B 139 -2.89 6.57 29.57
C LEU B 139 -2.48 7.28 30.86
N LEU B 140 -3.28 8.26 31.27
CA LEU B 140 -2.98 9.06 32.44
C LEU B 140 -2.89 8.21 33.72
N ASN B 141 -3.59 7.08 33.75
CA ASN B 141 -3.53 6.21 34.91
C ASN B 141 -2.66 4.98 34.71
N THR B 142 -1.85 4.98 33.67
CA THR B 142 -0.91 3.87 33.45
C THR B 142 0.37 4.07 34.29
N SER B 143 0.83 3.00 34.92
CA SER B 143 2.04 3.06 35.74
C SER B 143 3.26 3.04 34.82
N ARG B 144 4.41 3.42 35.36
CA ARG B 144 5.64 3.39 34.59
C ARG B 144 5.90 1.96 34.10
N LYS B 145 5.72 1.01 35.01
CA LYS B 145 5.96 -0.38 34.71
C LYS B 145 5.04 -0.86 33.57
N GLY B 146 3.75 -0.55 33.66
CA GLY B 146 2.78 -0.88 32.64
C GLY B 146 3.13 -0.34 31.25
N TYR B 147 3.41 0.97 31.19
CA TYR B 147 3.80 1.67 29.96
C TYR B 147 5.02 1.02 29.32
N LEU B 148 6.03 0.77 30.13
CA LEU B 148 7.29 0.21 29.63
C LEU B 148 7.04 -1.22 29.17
N ASP B 149 6.14 -1.91 29.84
CA ASP B 149 5.78 -3.26 29.39
C ASP B 149 5.18 -3.19 27.99
N ALA B 150 4.28 -2.23 27.79
CA ALA B 150 3.64 -2.09 26.50
C ALA B 150 4.69 -1.79 25.42
N LEU B 151 5.63 -0.93 25.74
CA LEU B 151 6.65 -0.54 24.76
C LEU B 151 7.60 -1.70 24.45
N SER B 152 7.95 -2.43 25.50
CA SER B 152 8.85 -3.56 25.40
C SER B 152 8.27 -4.67 24.51
N LYS B 153 7.05 -5.04 24.82
CA LYS B 153 6.40 -6.17 24.19
C LYS B 153 5.93 -5.81 22.78
N SER B 154 5.34 -4.62 22.63
CA SER B 154 4.69 -4.26 21.37
C SER B 154 5.57 -3.50 20.38
N SER B 155 6.62 -2.83 20.87
CA SER B 155 7.42 -1.99 19.98
C SER B 155 8.87 -2.46 19.88
N TYR B 156 9.57 -2.55 21.01
CA TYR B 156 10.98 -2.95 20.98
C TYR B 156 11.14 -4.33 20.30
N SER B 157 10.15 -5.19 20.51
CA SER B 157 10.17 -6.52 19.95
C SER B 157 10.35 -6.52 18.42
N LEU B 158 9.86 -5.48 17.76
CA LEU B 158 10.07 -5.37 16.31
C LEU B 158 11.54 -5.10 15.98
N ILE B 159 12.15 -4.20 16.75
CA ILE B 159 13.56 -3.87 16.54
C ILE B 159 14.44 -5.12 16.71
N SER B 160 14.17 -5.84 17.78
CA SER B 160 14.96 -7.02 18.12
C SER B 160 14.76 -8.13 17.08
N LEU B 161 13.51 -8.31 16.65
CA LEU B 161 13.21 -9.30 15.62
C LEU B 161 14.03 -9.01 14.38
N CYS B 162 14.07 -7.74 14.01
CA CYS B 162 14.86 -7.30 12.87
C CYS B 162 16.33 -7.54 13.09
N LYS B 163 16.82 -7.19 14.27
CA LYS B 163 18.24 -7.25 14.50
C LYS B 163 18.74 -8.70 14.36
N TYR B 164 17.99 -9.64 14.90
CA TYR B 164 18.40 -11.03 14.80
C TYR B 164 18.03 -11.70 13.46
N PHE B 165 16.91 -11.31 12.85
CA PHE B 165 16.46 -12.00 11.64
C PHE B 165 17.14 -11.53 10.35
N VAL B 166 17.74 -10.34 10.35
CA VAL B 166 18.41 -9.87 9.12
C VAL B 166 19.56 -10.79 8.72
N ASN B 167 20.18 -11.43 9.68
CA ASN B 167 21.29 -12.30 9.37
C ASN B 167 20.83 -13.60 8.76
N ILE B 168 19.54 -13.91 8.88
CA ILE B 168 19.03 -15.14 8.28
C ILE B 168 18.06 -14.85 7.16
N MET B 169 18.10 -13.62 6.63
CA MET B 169 17.22 -13.24 5.53
C MET B 169 18.01 -12.87 4.29
N LYS B 170 17.45 -13.13 3.11
CA LYS B 170 18.17 -12.80 1.89
C LYS B 170 18.07 -11.29 1.61
N PRO B 171 18.99 -10.73 0.78
CA PRO B 171 18.76 -9.35 0.32
C PRO B 171 17.43 -9.33 -0.44
N GLN B 172 16.78 -8.17 -0.49
CA GLN B 172 15.45 -8.03 -1.12
C GLN B 172 14.33 -8.67 -0.32
N SER B 173 14.63 -9.18 0.88
CA SER B 173 13.59 -9.64 1.79
C SER B 173 12.71 -8.49 2.31
N SER B 174 11.61 -8.85 2.93
CA SER B 174 10.61 -7.87 3.31
C SER B 174 10.04 -8.17 4.70
N ILE B 175 9.80 -7.12 5.47
CA ILE B 175 9.25 -7.25 6.82
C ILE B 175 8.02 -6.34 6.99
N ILE B 176 7.01 -6.87 7.66
CA ILE B 176 5.87 -6.06 8.06
C ILE B 176 5.47 -6.28 9.52
N SER B 177 4.86 -5.26 10.10
CA SER B 177 4.23 -5.35 11.40
C SER B 177 2.85 -4.74 11.25
N LEU B 178 2.06 -4.80 12.32
CA LEU B 178 0.70 -4.26 12.31
CA LEU B 178 0.70 -4.24 12.32
C LEU B 178 0.58 -3.13 13.35
N THR B 179 -0.08 -2.06 12.97
CA THR B 179 -0.30 -0.97 13.91
C THR B 179 -1.78 -0.56 13.93
N TYR B 180 -2.08 0.48 14.71
CA TYR B 180 -3.44 0.98 14.80
C TYR B 180 -3.47 2.53 14.86
N HIS B 181 -4.48 3.13 14.25
CA HIS B 181 -4.59 4.58 14.07
C HIS B 181 -4.60 5.39 15.39
N ALA B 182 -4.84 4.73 16.52
CA ALA B 182 -4.76 5.38 17.85
C ALA B 182 -3.39 6.02 18.13
N SER B 183 -2.36 5.60 17.39
CA SER B 183 -1.06 6.24 17.46
C SER B 183 -1.14 7.72 17.04
N GLN B 184 -2.03 8.02 16.09
CA GLN B 184 -2.06 9.29 15.38
C GLN B 184 -3.27 10.14 15.79
N LYS B 185 -4.36 9.48 16.19
CA LYS B 185 -5.58 10.16 16.62
C LYS B 185 -6.16 9.47 17.85
N VAL B 186 -6.84 10.24 18.69
CA VAL B 186 -7.22 9.73 20.00
C VAL B 186 -8.34 8.71 19.95
N VAL B 187 -8.05 7.53 20.48
CA VAL B 187 -9.07 6.51 20.73
C VAL B 187 -9.06 6.26 22.22
N PRO B 188 -10.07 6.75 22.95
N PRO B 188 -10.09 6.78 22.90
CA PRO B 188 -9.97 6.77 24.43
CA PRO B 188 -10.35 6.44 24.29
C PRO B 188 -9.77 5.41 25.13
C PRO B 188 -10.72 4.97 24.32
N GLY B 189 -10.31 4.33 24.57
N GLY B 189 -10.10 4.22 25.22
CA GLY B 189 -10.25 3.03 25.23
CA GLY B 189 -10.28 2.79 25.25
C GLY B 189 -8.99 2.23 24.96
C GLY B 189 -9.01 2.08 24.85
N TYR B 190 -8.17 2.71 24.04
CA TYR B 190 -6.94 2.05 23.64
C TYR B 190 -5.83 2.40 24.63
N GLY B 191 -5.88 1.78 25.81
CA GLY B 191 -5.09 2.26 26.94
C GLY B 191 -3.74 1.61 27.18
N GLY B 192 -3.17 1.91 28.34
CA GLY B 192 -2.05 1.15 28.85
C GLY B 192 -0.74 1.45 28.14
N GLY B 193 -0.70 2.52 27.35
CA GLY B 193 0.47 2.82 26.54
C GLY B 193 0.49 2.10 25.20
N MET B 194 -0.59 1.38 24.87
CA MET B 194 -0.72 0.76 23.56
C MET B 194 -0.68 1.84 22.46
N SER B 195 -1.33 2.98 22.72
CA SER B 195 -1.28 4.09 21.76
C SER B 195 0.15 4.54 21.56
N SER B 196 0.87 4.64 22.66
CA SER B 196 2.26 5.09 22.64
C SER B 196 3.12 4.09 21.90
N ALA B 197 2.89 2.83 22.22
CA ALA B 197 3.62 1.75 21.60
C ALA B 197 3.45 1.74 20.06
N LYS B 198 2.23 1.94 19.60
CA LYS B 198 1.98 2.01 18.17
C LYS B 198 2.62 3.25 17.51
N ALA B 199 2.61 4.39 18.19
CA ALA B 199 3.35 5.57 17.73
C ALA B 199 4.82 5.26 17.54
N ALA B 200 5.40 4.62 18.56
CA ALA B 200 6.81 4.27 18.53
C ALA B 200 7.08 3.26 17.39
N LEU B 201 6.18 2.30 17.23
CA LEU B 201 6.30 1.28 16.19
C LEU B 201 6.32 1.90 14.79
N GLU B 202 5.44 2.88 14.55
CA GLU B 202 5.35 3.50 13.23
C GLU B 202 6.58 4.33 12.93
N SER B 203 7.10 5.01 13.95
CA SER B 203 8.29 5.84 13.80
C SER B 203 9.52 4.95 13.59
N ASP B 204 9.60 3.88 14.38
CA ASP B 204 10.69 2.92 14.29
C ASP B 204 10.69 2.24 12.94
N THR B 205 9.51 2.12 12.35
CA THR B 205 9.39 1.50 11.02
C THR B 205 10.16 2.32 9.98
N ARG B 206 10.09 3.64 10.10
CA ARG B 206 10.87 4.54 9.25
C ARG B 206 12.37 4.44 9.47
N VAL B 207 12.79 4.57 10.73
CA VAL B 207 14.22 4.55 11.03
C VAL B 207 14.84 3.20 10.63
N LEU B 208 14.14 2.12 10.95
CA LEU B 208 14.55 0.80 10.52
C LEU B 208 14.62 0.68 8.98
N ALA B 209 13.64 1.24 8.29
CA ALA B 209 13.66 1.18 6.82
C ALA B 209 14.94 1.80 6.29
N TYR B 210 15.41 2.84 6.97
CA TYR B 210 16.62 3.49 6.57
C TYR B 210 17.83 2.57 6.74
N HIS B 211 18.00 2.03 7.94
CA HIS B 211 19.15 1.19 8.24
CA HIS B 211 19.15 1.19 8.24
C HIS B 211 19.12 -0.10 7.42
N LEU B 212 17.94 -0.73 7.34
CA LEU B 212 17.82 -2.00 6.64
C LEU B 212 17.91 -1.86 5.14
N GLY B 213 17.41 -0.74 4.63
CA GLY B 213 17.43 -0.50 3.20
C GLY B 213 18.85 -0.33 2.73
N ARG B 214 19.59 0.53 3.40
CA ARG B 214 20.96 0.90 2.98
C ARG B 214 21.96 -0.20 3.16
N ASN B 215 21.86 -0.92 4.28
CA ASN B 215 22.89 -1.88 4.64
C ASN B 215 22.57 -3.30 4.18
N TYR B 216 21.29 -3.59 3.91
CA TYR B 216 20.84 -4.95 3.63
C TYR B 216 19.94 -5.08 2.42
N ASN B 217 19.49 -3.96 1.85
CA ASN B 217 18.47 -4.04 0.80
C ASN B 217 17.25 -4.84 1.31
N ILE B 218 16.91 -4.64 2.58
CA ILE B 218 15.73 -5.25 3.16
C ILE B 218 14.69 -4.17 3.41
N ARG B 219 13.44 -4.46 3.05
CA ARG B 219 12.38 -3.47 3.19
C ARG B 219 11.56 -3.73 4.46
N ILE B 220 10.97 -2.68 5.01
CA ILE B 220 10.05 -2.81 6.13
C ILE B 220 8.93 -1.78 6.11
N ASN B 221 7.72 -2.27 6.34
CA ASN B 221 6.55 -1.42 6.37
C ASN B 221 5.62 -1.84 7.52
N THR B 222 4.61 -1.03 7.78
CA THR B 222 3.62 -1.43 8.77
C THR B 222 2.19 -1.22 8.23
N ILE B 223 1.28 -2.12 8.61
CA ILE B 223 -0.11 -2.04 8.17
C ILE B 223 -0.96 -1.51 9.31
N SER B 224 -1.60 -0.36 9.11
CA SER B 224 -2.54 0.14 10.09
C SER B 224 -3.91 -0.45 9.80
N ALA B 225 -4.28 -1.50 10.53
CA ALA B 225 -5.52 -2.23 10.27
C ALA B 225 -6.72 -1.60 10.95
N GLY B 226 -7.91 -1.84 10.39
CA GLY B 226 -9.15 -1.48 11.06
C GLY B 226 -9.48 -2.54 12.10
N PRO B 227 -10.63 -2.40 12.79
CA PRO B 227 -10.89 -3.31 13.91
C PRO B 227 -11.31 -4.73 13.53
N LEU B 228 -10.83 -5.69 14.32
CA LEU B 228 -11.10 -7.11 14.08
C LEU B 228 -11.36 -7.74 15.44
N LYS B 229 -12.40 -8.55 15.54
CA LYS B 229 -12.71 -9.18 16.82
C LYS B 229 -11.82 -10.39 17.12
N SER B 230 -10.57 -10.10 17.48
CA SER B 230 -9.61 -11.14 17.79
C SER B 230 -9.72 -11.39 19.27
N ARG B 231 -9.14 -12.49 19.73
CA ARG B 231 -9.18 -12.84 21.14
C ARG B 231 -8.60 -11.70 21.96
N ALA B 232 -7.47 -11.17 21.50
CA ALA B 232 -6.83 -10.06 22.18
C ALA B 232 -7.67 -8.75 22.24
N ALA B 233 -8.32 -8.41 21.11
CA ALA B 233 -9.19 -7.23 21.06
C ALA B 233 -10.28 -7.26 22.14
N THR B 234 -10.76 -8.47 22.46
CA THR B 234 -11.79 -8.68 23.46
C THR B 234 -11.30 -8.33 24.86
N ALA B 235 -10.05 -8.65 25.13
CA ALA B 235 -9.44 -8.37 26.42
C ALA B 235 -9.34 -6.88 26.74
N ILE B 236 -9.60 -6.01 25.76
CA ILE B 236 -9.51 -4.58 26.00
C ILE B 236 -10.60 -4.03 26.93
N ASN B 237 -11.84 -4.46 26.73
CA ASN B 237 -12.93 -3.98 27.58
C ASN B 237 -12.73 -4.29 29.08
N LYS B 238 -13.39 -3.52 29.94
CA LYS B 238 -13.19 -3.60 31.39
C LYS B 238 -14.21 -4.51 32.06
N THR B 280 -18.62 -4.04 24.39
CA THR B 280 -17.17 -3.93 24.56
C THR B 280 -16.50 -2.88 23.65
N PHE B 281 -15.22 -2.61 23.90
CA PHE B 281 -14.49 -1.63 23.11
C PHE B 281 -14.44 -2.05 21.63
N ILE B 282 -14.16 -3.33 21.38
CA ILE B 282 -13.95 -3.77 20.02
C ILE B 282 -15.28 -3.84 19.29
N ASP B 283 -16.37 -4.17 20.01
CA ASP B 283 -17.69 -4.23 19.40
C ASP B 283 -18.13 -2.84 18.94
N TYR B 284 -17.92 -1.85 19.80
CA TYR B 284 -18.14 -0.46 19.42
C TYR B 284 -17.30 -0.05 18.21
N ALA B 285 -15.99 -0.33 18.26
CA ALA B 285 -15.10 0.03 17.15
C ALA B 285 -15.57 -0.59 15.82
N ILE B 286 -15.98 -1.86 15.86
CA ILE B 286 -16.40 -2.56 14.64
C ILE B 286 -17.70 -2.00 14.10
N GLU B 287 -18.66 -1.85 14.99
CA GLU B 287 -19.94 -1.26 14.62
C GLU B 287 -19.77 0.15 14.06
N TYR B 288 -18.90 0.93 14.68
CA TYR B 288 -18.65 2.29 14.21
C TYR B 288 -18.03 2.25 12.80
N SER B 289 -17.03 1.39 12.61
CA SER B 289 -16.35 1.26 11.33
C SER B 289 -17.33 0.88 10.21
N GLU B 290 -18.15 -0.14 10.46
CA GLU B 290 -19.11 -0.60 9.46
C GLU B 290 -20.19 0.41 9.13
N LYS B 291 -20.47 1.30 10.08
CA LYS B 291 -21.46 2.34 9.85
C LYS B 291 -20.88 3.57 9.12
N TYR B 292 -19.63 3.93 9.41
CA TYR B 292 -19.10 5.21 8.95
C TYR B 292 -17.99 5.15 7.90
N ALA B 293 -17.34 4.00 7.71
CA ALA B 293 -16.27 3.94 6.72
C ALA B 293 -16.82 4.21 5.32
N PRO B 294 -15.98 4.75 4.42
CA PRO B 294 -16.29 4.84 2.98
C PRO B 294 -16.75 3.51 2.44
N LEU B 295 -16.09 2.42 2.85
CA LEU B 295 -16.50 1.10 2.43
C LEU B 295 -17.21 0.39 3.58
N ARG B 296 -18.49 0.12 3.39
CA ARG B 296 -19.34 -0.40 4.46
C ARG B 296 -19.55 -1.88 4.22
N GLN B 297 -18.66 -2.67 4.78
CA GLN B 297 -18.55 -4.09 4.54
C GLN B 297 -17.69 -4.60 5.66
N LYS B 298 -17.84 -5.86 6.03
CA LYS B 298 -17.12 -6.36 7.18
C LYS B 298 -15.64 -6.46 6.84
N LEU B 299 -14.79 -5.86 7.67
CA LEU B 299 -13.36 -5.96 7.45
C LEU B 299 -12.93 -7.36 7.85
N LEU B 300 -12.21 -8.04 6.98
CA LEU B 300 -11.80 -9.42 7.25
C LEU B 300 -10.31 -9.50 7.51
N SER B 301 -9.90 -10.52 8.25
CA SER B 301 -8.47 -10.70 8.54
C SER B 301 -7.69 -10.97 7.28
N THR B 302 -8.31 -11.66 6.34
CA THR B 302 -7.72 -11.91 5.03
C THR B 302 -7.63 -10.63 4.15
N ASP B 303 -8.40 -9.59 4.47
CA ASP B 303 -8.23 -8.32 3.74
C ASP B 303 -6.87 -7.74 4.10
N ILE B 304 -6.48 -7.87 5.37
CA ILE B 304 -5.19 -7.40 5.82
C ILE B 304 -4.16 -8.35 5.22
N GLY B 305 -4.51 -9.64 5.22
CA GLY B 305 -3.63 -10.69 4.77
C GLY B 305 -3.18 -10.53 3.33
N SER B 306 -4.07 -10.09 2.45
CA SER B 306 -3.67 -9.95 1.05
C SER B 306 -2.81 -8.70 0.87
N VAL B 307 -3.03 -7.67 1.69
CA VAL B 307 -2.16 -6.50 1.61
C VAL B 307 -0.78 -6.86 2.15
N ALA B 308 -0.76 -7.59 3.26
CA ALA B 308 0.49 -8.09 3.82
C ALA B 308 1.27 -8.91 2.78
N SER B 309 0.54 -9.74 2.04
CA SER B 309 1.18 -10.58 1.03
C SER B 309 1.83 -9.71 -0.06
N PHE B 310 1.12 -8.66 -0.46
CA PHE B 310 1.62 -7.77 -1.46
C PHE B 310 2.92 -7.08 -0.98
N LEU B 311 2.91 -6.57 0.25
CA LEU B 311 4.07 -5.86 0.77
C LEU B 311 5.26 -6.79 1.02
N LEU B 312 4.97 -8.06 1.25
CA LEU B 312 6.03 -9.02 1.49
C LEU B 312 6.64 -9.45 0.16
N SER B 313 5.88 -9.28 -0.92
CA SER B 313 6.34 -9.76 -2.22
C SER B 313 7.17 -8.73 -2.97
N ARG B 314 7.82 -9.17 -4.03
CA ARG B 314 8.62 -8.29 -4.90
C ARG B 314 7.79 -7.24 -5.63
N GLU B 315 6.47 -7.42 -5.70
CA GLU B 315 5.60 -6.41 -6.33
C GLU B 315 5.67 -5.00 -5.68
N SER B 316 6.11 -4.94 -4.43
CA SER B 316 6.15 -3.70 -3.66
C SER B 316 7.59 -3.24 -3.41
N ARG B 317 8.51 -3.65 -4.27
CA ARG B 317 9.94 -3.39 -4.07
C ARG B 317 10.33 -1.91 -3.91
N ALA B 318 9.55 -0.96 -4.43
CA ALA B 318 9.88 0.45 -4.21
C ALA B 318 9.15 1.09 -3.02
N ILE B 319 8.52 0.27 -2.19
CA ILE B 319 7.83 0.76 -1.00
C ILE B 319 8.53 0.35 0.30
N THR B 320 8.96 1.32 1.11
CA THR B 320 9.53 0.95 2.40
C THR B 320 9.36 2.09 3.42
N GLY B 321 9.26 1.74 4.70
CA GLY B 321 9.14 2.75 5.76
C GLY B 321 7.75 3.33 5.92
N GLN B 322 6.79 2.73 5.23
CA GLN B 322 5.46 3.29 5.12
C GLN B 322 4.46 2.73 6.14
N THR B 323 3.51 3.58 6.52
CA THR B 323 2.33 3.11 7.23
C THR B 323 1.18 3.01 6.23
N ILE B 324 0.78 1.79 5.93
CA ILE B 324 -0.28 1.56 4.95
C ILE B 324 -1.59 1.22 5.65
N TYR B 325 -2.63 1.99 5.39
CA TYR B 325 -3.91 1.82 6.07
C TYR B 325 -4.80 0.83 5.33
N VAL B 326 -5.23 -0.20 6.06
CA VAL B 326 -6.14 -1.18 5.50
C VAL B 326 -7.31 -1.28 6.46
N ASP B 327 -8.32 -0.44 6.20
CA ASP B 327 -9.31 -0.17 7.21
C ASP B 327 -10.63 0.31 6.60
N ASN B 328 -10.85 -0.08 5.34
CA ASN B 328 -12.04 0.35 4.58
C ASN B 328 -12.16 1.87 4.43
N GLY B 329 -11.05 2.57 4.65
CA GLY B 329 -11.00 4.01 4.47
C GLY B 329 -11.39 4.82 5.71
N LEU B 330 -11.68 4.16 6.82
CA LEU B 330 -12.18 4.88 7.99
C LEU B 330 -11.25 6.04 8.40
N ASN B 331 -9.94 5.86 8.24
CA ASN B 331 -9.01 6.87 8.73
C ASN B 331 -9.15 8.25 8.10
N ILE B 332 -9.80 8.33 6.94
CA ILE B 332 -9.87 9.57 6.19
C ILE B 332 -11.04 10.46 6.63
N MET B 333 -11.97 9.91 7.41
CA MET B 333 -13.14 10.67 7.87
C MET B 333 -12.82 11.61 9.03
N PHE B 334 -13.44 12.79 9.05
CA PHE B 334 -13.37 13.68 10.21
C PHE B 334 -14.68 13.56 10.94
N LEU B 335 -15.72 14.10 10.32
CA LEU B 335 -17.06 14.13 10.90
C LEU B 335 -17.92 12.99 10.37
N PRO B 336 -18.43 12.14 11.29
CA PRO B 336 -19.43 11.14 10.92
C PRO B 336 -20.71 11.81 10.44
N ASP B 337 -21.19 11.43 9.26
CA ASP B 337 -22.44 11.96 8.73
C ASP B 337 -23.67 11.36 9.42
#